data_6Z4J
#
_entry.id   6Z4J
#
_cell.length_a   38.495
_cell.length_b   68.321
_cell.length_c   51.321
_cell.angle_alpha   90.000
_cell.angle_beta   106.362
_cell.angle_gamma   90.000
#
_symmetry.space_group_name_H-M   'P 1 21 1'
#
loop_
_entity.id
_entity.type
_entity.pdbx_description
1 polymer 'Superoxide dismutase [Cu-Zn]'
2 non-polymer 'ZINC ION'
3 non-polymer ~{N}-[(3-chlorophenyl)methyl]-2-selanyl-benzamide
4 non-polymer 'CHLORIDE ION'
5 water water
#
_entity_poly.entity_id   1
_entity_poly.type   'polypeptide(L)'
_entity_poly.pdbx_seq_one_letter_code
;ATKVVCVLKGDGPVQGIINFEQKESNGPVKVWGSIKGLTEGLHGFHVHEFGDNTAGCTSAGPHFNPLSRKHGGPKDEERH
VGDLGNVTADKDGVADVSIEDSVISLSGDHCIIGRTLVVHEKADDLGKGGNEESTKTGNAGSRLACGVIGIAQ
;
_entity_poly.pdbx_strand_id   AAA,BBB
#
loop_
_chem_comp.id
_chem_comp.type
_chem_comp.name
_chem_comp.formula
CL non-polymer 'CHLORIDE ION' 'Cl -1'
Q7W non-polymer ~{N}-[(3-chlorophenyl)methyl]-2-selanyl-benzamide 'C14 H12 Cl N O Se'
ZN non-polymer 'ZINC ION' 'Zn 2'
#
# COMPACT_ATOMS: atom_id res chain seq x y z
N ALA A 1 -3.01 -20.26 2.12
CA ALA A 1 -1.93 -19.29 2.36
C ALA A 1 -2.35 -17.88 1.94
N THR A 2 -1.84 -16.88 2.66
CA THR A 2 -2.06 -15.45 2.37
C THR A 2 -0.74 -14.89 1.84
N LYS A 3 -0.81 -14.08 0.80
N LYS A 3 -0.81 -14.07 0.80
CA LYS A 3 0.38 -13.49 0.13
CA LYS A 3 0.38 -13.49 0.13
C LYS A 3 0.23 -11.98 0.10
C LYS A 3 0.22 -11.98 0.09
N VAL A 4 1.27 -11.26 0.49
CA VAL A 4 1.30 -9.78 0.39
C VAL A 4 2.65 -9.35 -0.18
N VAL A 5 2.71 -8.13 -0.71
CA VAL A 5 3.91 -7.66 -1.45
C VAL A 5 4.14 -6.18 -1.16
N CYS A 6 5.37 -5.72 -1.37
CA CYS A 6 5.73 -4.33 -1.16
C CYS A 6 6.79 -3.98 -2.18
N VAL A 7 6.57 -2.91 -2.91
CA VAL A 7 7.58 -2.33 -3.82
C VAL A 7 8.26 -1.18 -3.11
N LEU A 8 9.57 -1.25 -2.93
CA LEU A 8 10.34 -0.20 -2.21
C LEU A 8 10.90 0.78 -3.22
N LYS A 9 10.64 2.05 -3.04
CA LYS A 9 11.18 3.14 -3.89
C LYS A 9 11.50 4.34 -3.01
N GLY A 10 12.45 5.17 -3.45
CA GLY A 10 12.69 6.43 -2.75
C GLY A 10 13.28 7.48 -3.65
N ASP A 11 13.98 8.43 -3.04
CA ASP A 11 14.49 9.66 -3.72
C ASP A 11 15.83 9.37 -4.39
N GLY A 12 16.50 8.27 -4.07
CA GLY A 12 17.84 8.00 -4.59
C GLY A 12 17.85 6.65 -5.25
N PRO A 13 18.98 5.90 -5.19
CA PRO A 13 19.12 4.68 -5.98
C PRO A 13 18.49 3.40 -5.37
N VAL A 14 17.95 3.50 -4.18
CA VAL A 14 17.52 2.27 -3.47
C VAL A 14 16.15 1.82 -3.97
N GLN A 15 16.10 0.58 -4.45
CA GLN A 15 14.80 0.02 -4.92
C GLN A 15 14.76 -1.46 -4.63
N GLY A 16 13.56 -1.98 -4.38
CA GLY A 16 13.42 -3.40 -4.10
C GLY A 16 11.99 -3.89 -4.20
N ILE A 17 11.86 -5.22 -4.13
CA ILE A 17 10.57 -5.94 -4.11
C ILE A 17 10.65 -6.95 -2.98
N ILE A 18 9.67 -6.87 -2.06
CA ILE A 18 9.64 -7.79 -0.91
C ILE A 18 8.32 -8.52 -0.88
N ASN A 19 8.39 -9.82 -0.75
CA ASN A 19 7.21 -10.69 -0.70
C ASN A 19 6.99 -11.21 0.71
N PHE A 20 5.75 -11.35 1.14
CA PHE A 20 5.39 -11.96 2.44
C PHE A 20 4.40 -13.08 2.25
N GLU A 21 4.59 -14.21 2.93
CA GLU A 21 3.65 -15.33 2.80
C GLU A 21 3.40 -15.98 4.15
N GLN A 22 2.15 -16.27 4.46
CA GLN A 22 1.70 -16.87 5.74
C GLN A 22 0.80 -18.06 5.40
N LYS A 23 1.24 -19.26 5.73
CA LYS A 23 0.52 -20.50 5.40
C LYS A 23 -0.71 -20.64 6.29
N GLU A 24 -0.61 -20.37 7.58
CA GLU A 24 -1.78 -20.54 8.46
C GLU A 24 -2.00 -19.27 9.26
N SER A 25 -3.26 -19.02 9.63
CA SER A 25 -3.64 -17.97 10.60
C SER A 25 -2.74 -18.10 11.83
N ASN A 26 -2.09 -17.00 12.20
CA ASN A 26 -1.19 -16.94 13.38
C ASN A 26 0.04 -17.85 13.23
N GLY A 27 0.36 -18.39 12.05
CA GLY A 27 1.63 -19.10 11.84
C GLY A 27 2.72 -18.09 11.45
N PRO A 28 3.97 -18.54 11.27
CA PRO A 28 5.06 -17.66 10.87
C PRO A 28 4.86 -17.09 9.46
N VAL A 29 5.45 -15.91 9.26
CA VAL A 29 5.41 -15.20 7.95
C VAL A 29 6.81 -15.35 7.36
N LYS A 30 6.89 -15.86 6.15
CA LYS A 30 8.14 -15.83 5.38
C LYS A 30 8.21 -14.51 4.60
N VAL A 31 9.37 -13.89 4.65
CA VAL A 31 9.66 -12.60 3.97
C VAL A 31 10.84 -12.84 3.04
N TRP A 32 10.73 -12.51 1.77
CA TRP A 32 11.83 -12.76 0.82
C TRP A 32 11.79 -11.73 -0.31
N GLY A 33 12.93 -11.43 -0.86
CA GLY A 33 13.03 -10.61 -2.07
C GLY A 33 14.42 -10.03 -2.20
N SER A 34 14.53 -8.89 -2.87
N SER A 34 14.53 -8.89 -2.87
CA SER A 34 15.84 -8.29 -3.19
CA SER A 34 15.83 -8.29 -3.20
C SER A 34 15.74 -6.78 -3.12
C SER A 34 15.73 -6.78 -3.11
N ILE A 35 16.78 -6.14 -2.60
CA ILE A 35 16.92 -4.67 -2.61
C ILE A 35 18.26 -4.37 -3.26
N LYS A 36 18.31 -3.34 -4.07
CA LYS A 36 19.61 -2.94 -4.66
C LYS A 36 19.85 -1.45 -4.43
N GLY A 37 21.08 -0.99 -4.72
CA GLY A 37 21.45 0.43 -4.55
C GLY A 37 21.85 0.79 -3.14
N LEU A 38 22.16 -0.18 -2.27
CA LEU A 38 22.52 0.06 -0.87
C LEU A 38 24.05 0.10 -0.72
N THR A 39 24.51 0.77 0.33
CA THR A 39 25.91 0.69 0.79
C THR A 39 26.12 -0.69 1.43
N GLU A 40 27.28 -1.24 1.24
CA GLU A 40 27.63 -2.57 1.82
C GLU A 40 27.43 -2.52 3.34
N GLY A 41 26.75 -3.55 3.90
CA GLY A 41 26.58 -3.64 5.35
C GLY A 41 25.11 -3.75 5.75
N LEU A 42 24.84 -3.47 7.00
N LEU A 42 24.84 -3.53 7.03
CA LEU A 42 23.48 -3.68 7.58
CA LEU A 42 23.49 -3.66 7.64
C LEU A 42 22.62 -2.43 7.37
C LEU A 42 22.63 -2.42 7.35
N HIS A 43 21.34 -2.64 7.07
CA HIS A 43 20.34 -1.56 6.88
C HIS A 43 19.09 -1.93 7.67
N GLY A 44 18.68 -1.03 8.56
CA GLY A 44 17.46 -1.31 9.36
C GLY A 44 16.25 -1.50 8.47
N PHE A 45 15.39 -2.40 8.89
CA PHE A 45 14.28 -2.90 8.05
C PHE A 45 13.07 -3.00 8.93
N HIS A 46 12.09 -2.12 8.72
CA HIS A 46 10.98 -1.98 9.67
C HIS A 46 9.64 -1.85 8.97
N VAL A 47 8.60 -2.34 9.63
CA VAL A 47 7.23 -1.92 9.27
C VAL A 47 6.88 -0.70 10.12
N HIS A 48 6.58 0.40 9.46
CA HIS A 48 6.16 1.66 10.09
C HIS A 48 4.64 1.74 10.11
N GLU A 49 4.11 2.55 10.99
CA GLU A 49 2.71 2.55 11.37
C GLU A 49 1.76 2.94 10.21
N PHE A 50 2.07 3.97 9.44
CA PHE A 50 1.11 4.48 8.46
C PHE A 50 1.49 4.04 7.05
N GLY A 51 0.50 3.59 6.26
CA GLY A 51 0.67 3.36 4.81
C GLY A 51 0.52 4.66 4.05
N ASP A 52 1.10 5.74 4.56
CA ASP A 52 0.94 7.11 4.07
C ASP A 52 2.25 7.51 3.43
N ASN A 53 2.25 7.58 2.10
CA ASN A 53 3.45 7.94 1.31
C ASN A 53 3.28 9.33 0.69
N THR A 54 2.34 10.10 1.22
CA THR A 54 1.99 11.41 0.57
C THR A 54 3.21 12.32 0.55
N ALA A 55 4.05 12.31 1.55
CA ALA A 55 5.27 13.15 1.55
C ALA A 55 6.51 12.27 1.45
N GLY A 56 6.40 11.13 0.79
CA GLY A 56 7.50 10.15 0.72
C GLY A 56 7.55 9.34 2.02
N CYS A 57 8.69 8.80 2.34
CA CYS A 57 8.82 7.87 3.48
C CYS A 57 8.57 8.54 4.84
N THR A 58 8.75 9.85 4.97
N THR A 58 8.73 9.85 4.94
CA THR A 58 8.59 10.48 6.30
CA THR A 58 8.59 10.55 6.23
C THR A 58 7.12 10.38 6.78
C THR A 58 7.13 10.41 6.76
N SER A 59 6.13 10.42 5.89
CA SER A 59 4.73 10.38 6.36
C SER A 59 4.34 8.99 6.90
N ALA A 60 5.24 8.01 6.84
CA ALA A 60 4.95 6.66 7.37
C ALA A 60 4.92 6.65 8.90
N GLY A 61 5.41 7.68 9.59
CA GLY A 61 5.33 7.66 11.04
C GLY A 61 6.32 6.69 11.68
N PRO A 62 6.11 6.41 12.97
CA PRO A 62 7.06 5.63 13.77
C PRO A 62 6.89 4.14 13.48
N HIS A 63 7.66 3.30 14.15
CA HIS A 63 7.54 1.84 13.95
C HIS A 63 6.16 1.38 14.36
N PHE A 64 5.61 0.43 13.62
CA PHE A 64 4.29 -0.17 13.94
C PHE A 64 4.38 -0.91 15.27
N ASN A 65 3.59 -0.43 16.24
CA ASN A 65 3.79 -0.79 17.68
C ASN A 65 2.42 -0.92 18.34
N PRO A 66 1.56 -1.80 17.84
CA PRO A 66 0.20 -1.91 18.40
C PRO A 66 0.22 -2.32 19.88
N LEU A 67 1.28 -3.00 20.34
CA LEU A 67 1.31 -3.54 21.74
C LEU A 67 2.11 -2.63 22.67
N SER A 68 2.43 -1.40 22.26
CA SER A 68 3.10 -0.39 23.12
C SER A 68 4.31 -1.00 23.82
N ARG A 69 5.23 -1.58 23.09
CA ARG A 69 6.50 -2.05 23.63
C ARG A 69 7.62 -1.11 23.21
N LYS A 70 8.81 -1.34 23.72
CA LYS A 70 10.07 -0.66 23.29
C LYS A 70 10.64 -1.36 22.05
N HIS A 71 11.56 -0.70 21.38
CA HIS A 71 12.27 -1.19 20.18
C HIS A 71 13.22 -2.32 20.54
N GLY A 72 13.28 -3.34 19.70
CA GLY A 72 14.24 -4.42 19.81
C GLY A 72 14.49 -5.09 18.48
N GLY A 73 15.21 -6.21 18.51
CA GLY A 73 15.43 -7.04 17.34
C GLY A 73 14.30 -8.04 17.21
N PRO A 74 14.22 -8.68 16.03
CA PRO A 74 13.15 -9.59 15.73
C PRO A 74 13.17 -10.82 16.64
N LYS A 75 14.31 -11.15 17.23
CA LYS A 75 14.39 -12.37 18.09
C LYS A 75 14.26 -11.97 19.57
N ASP A 76 13.88 -10.73 19.86
CA ASP A 76 13.63 -10.25 21.24
C ASP A 76 12.13 -10.32 21.59
N GLU A 77 11.82 -10.59 22.85
N GLU A 77 11.83 -10.59 22.85
CA GLU A 77 10.42 -10.51 23.36
CA GLU A 77 10.42 -10.54 23.35
C GLU A 77 10.02 -9.03 23.38
C GLU A 77 9.99 -9.07 23.37
N GLU A 78 10.92 -8.17 23.83
N GLU A 78 10.90 -8.21 23.83
CA GLU A 78 10.65 -6.71 23.90
CA GLU A 78 10.67 -6.74 23.91
C GLU A 78 10.98 -6.11 22.55
C GLU A 78 10.99 -6.14 22.54
N ARG A 79 9.96 -5.97 21.70
CA ARG A 79 10.17 -5.44 20.33
C ARG A 79 8.86 -4.79 19.92
N HIS A 80 8.93 -3.90 18.94
CA HIS A 80 7.74 -3.47 18.20
C HIS A 80 7.32 -4.60 17.27
N VAL A 81 6.03 -4.68 16.93
CA VAL A 81 5.59 -5.65 15.90
C VAL A 81 6.43 -5.38 14.64
N GLY A 82 6.65 -4.14 14.27
CA GLY A 82 7.34 -3.82 13.00
C GLY A 82 8.85 -4.04 12.99
N ASP A 83 9.43 -4.54 14.07
CA ASP A 83 10.91 -4.65 14.16
C ASP A 83 11.42 -5.88 13.43
N LEU A 84 11.89 -5.73 12.18
CA LEU A 84 12.35 -6.89 11.39
C LEU A 84 13.88 -6.89 11.36
N GLY A 85 14.54 -6.06 12.19
CA GLY A 85 16.00 -6.13 12.31
C GLY A 85 16.71 -5.44 11.17
N ASN A 86 17.65 -6.10 10.52
CA ASN A 86 18.48 -5.53 9.43
C ASN A 86 18.50 -6.46 8.23
N VAL A 87 18.64 -5.89 7.05
CA VAL A 87 19.00 -6.66 5.83
C VAL A 87 20.47 -6.31 5.58
N THR A 88 21.16 -7.19 4.85
CA THR A 88 22.62 -7.05 4.59
C THR A 88 22.85 -6.93 3.11
N ALA A 89 23.46 -5.81 2.72
CA ALA A 89 23.89 -5.56 1.34
C ALA A 89 25.35 -6.00 1.20
N ASP A 90 25.63 -6.61 0.06
CA ASP A 90 26.98 -7.06 -0.33
C ASP A 90 27.75 -5.88 -0.96
N LYS A 91 28.98 -6.11 -1.40
CA LYS A 91 29.76 -5.06 -2.08
C LYS A 91 29.13 -4.65 -3.40
N ASP A 92 28.18 -5.40 -3.95
CA ASP A 92 27.51 -4.94 -5.19
C ASP A 92 26.30 -4.05 -4.82
N GLY A 93 26.07 -3.84 -3.53
CA GLY A 93 24.93 -3.06 -3.04
C GLY A 93 23.62 -3.81 -3.10
N VAL A 94 23.67 -5.13 -3.12
CA VAL A 94 22.46 -5.98 -3.21
C VAL A 94 22.23 -6.72 -1.89
N ALA A 95 21.03 -6.57 -1.35
CA ALA A 95 20.54 -7.35 -0.19
C ALA A 95 19.57 -8.41 -0.70
N ASP A 96 19.87 -9.67 -0.43
CA ASP A 96 18.97 -10.80 -0.74
C ASP A 96 18.25 -11.11 0.57
N VAL A 97 16.97 -10.78 0.63
CA VAL A 97 16.21 -10.83 1.91
C VAL A 97 15.61 -12.23 2.05
N SER A 98 15.80 -12.77 3.23
CA SER A 98 15.22 -14.08 3.60
C SER A 98 15.05 -14.07 5.10
N ILE A 99 13.82 -13.86 5.55
CA ILE A 99 13.43 -13.71 6.97
C ILE A 99 12.24 -14.64 7.24
N GLU A 100 12.16 -15.23 8.41
CA GLU A 100 10.92 -15.89 8.92
C GLU A 100 10.62 -15.20 10.25
N ASP A 101 9.41 -14.70 10.40
CA ASP A 101 9.05 -13.95 11.64
C ASP A 101 7.72 -14.48 12.18
N SER A 102 7.62 -14.61 13.50
CA SER A 102 6.44 -15.14 14.19
C SER A 102 5.60 -14.05 14.84
N VAL A 103 6.00 -12.79 14.75
CA VAL A 103 5.29 -11.70 15.44
C VAL A 103 4.45 -10.92 14.44
N ILE A 104 5.01 -10.52 13.30
CA ILE A 104 4.14 -9.92 12.27
C ILE A 104 3.12 -10.97 11.85
N SER A 105 2.02 -10.52 11.25
CA SER A 105 0.99 -11.39 10.69
C SER A 105 0.37 -10.75 9.47
N LEU A 106 -0.33 -11.56 8.69
CA LEU A 106 -1.10 -11.08 7.52
C LEU A 106 -2.59 -11.18 7.82
N SER A 107 -2.99 -11.34 9.11
CA SER A 107 -4.40 -11.11 9.57
C SER A 107 -4.42 -10.63 11.03
N GLY A 108 -5.55 -10.12 11.54
CA GLY A 108 -5.66 -9.78 12.97
C GLY A 108 -4.97 -8.46 13.37
N ASP A 109 -4.79 -8.26 14.67
N ASP A 109 -4.79 -8.21 14.65
CA ASP A 109 -4.24 -7.02 15.30
CA ASP A 109 -4.26 -6.91 15.15
C ASP A 109 -2.75 -6.83 14.96
C ASP A 109 -2.73 -6.81 14.95
N HIS A 110 -2.05 -7.90 14.58
CA HIS A 110 -0.61 -7.84 14.22
C HIS A 110 -0.46 -7.65 12.72
N CYS A 111 -1.55 -7.43 12.00
CA CYS A 111 -1.53 -7.43 10.53
C CYS A 111 -0.75 -6.23 10.04
N ILE A 112 0.12 -6.45 9.06
CA ILE A 112 0.96 -5.37 8.46
C ILE A 112 0.42 -4.83 7.14
N ILE A 113 -0.69 -5.36 6.67
CA ILE A 113 -1.30 -4.89 5.38
C ILE A 113 -1.71 -3.42 5.58
N GLY A 114 -1.38 -2.61 4.58
CA GLY A 114 -1.73 -1.18 4.59
C GLY A 114 -0.79 -0.32 5.37
N ARG A 115 0.28 -0.92 5.93
CA ARG A 115 1.35 -0.18 6.63
C ARG A 115 2.48 0.01 5.62
N THR A 116 3.57 0.62 6.05
CA THR A 116 4.72 0.89 5.16
C THR A 116 5.94 0.08 5.59
N LEU A 117 6.58 -0.59 4.63
CA LEU A 117 7.92 -1.18 4.85
C LEU A 117 9.01 -0.17 4.48
N VAL A 118 9.97 0.01 5.37
CA VAL A 118 11.06 1.00 5.16
C VAL A 118 12.42 0.31 5.29
N VAL A 119 13.31 0.61 4.35
CA VAL A 119 14.74 0.26 4.46
C VAL A 119 15.53 1.54 4.74
N HIS A 120 16.39 1.46 5.76
CA HIS A 120 17.07 2.62 6.36
C HIS A 120 18.54 2.72 5.92
N GLU A 121 19.07 3.93 6.12
CA GLU A 121 20.46 4.35 5.80
C GLU A 121 21.49 3.52 6.59
N LYS A 122 21.23 3.28 7.87
CA LYS A 122 22.25 2.76 8.82
C LYS A 122 21.80 1.42 9.37
N ALA A 123 22.64 0.75 10.17
CA ALA A 123 22.27 -0.44 10.92
C ALA A 123 21.28 -0.07 12.04
N ASP A 124 20.28 -0.91 12.19
CA ASP A 124 19.50 -1.00 13.44
C ASP A 124 20.34 -1.69 14.53
N ASP A 125 20.53 -0.98 15.62
CA ASP A 125 21.34 -1.52 16.76
C ASP A 125 20.49 -2.44 17.66
N LEU A 126 19.24 -2.71 17.26
CA LEU A 126 18.33 -3.72 17.87
C LEU A 126 18.08 -3.36 19.34
N GLY A 127 18.16 -2.09 19.67
CA GLY A 127 17.87 -1.56 21.02
C GLY A 127 19.02 -1.81 21.98
N LYS A 128 20.23 -2.10 21.48
CA LYS A 128 21.38 -2.42 22.37
C LYS A 128 22.46 -1.36 22.23
N GLY A 129 22.13 -0.14 21.77
CA GLY A 129 23.11 0.89 21.39
C GLY A 129 23.55 1.82 22.52
N GLY A 130 22.85 1.86 23.66
CA GLY A 130 23.28 2.69 24.82
C GLY A 130 23.22 4.21 24.55
N ASN A 131 22.17 4.64 23.87
CA ASN A 131 21.60 6.00 23.96
C ASN A 131 20.09 5.78 24.04
N GLU A 132 19.31 6.82 24.30
CA GLU A 132 17.85 6.61 24.49
C GLU A 132 17.19 6.35 23.13
N GLU A 133 17.73 6.86 22.02
CA GLU A 133 17.14 6.64 20.68
C GLU A 133 17.19 5.15 20.32
N SER A 134 18.14 4.39 20.89
CA SER A 134 18.26 2.94 20.61
C SER A 134 16.95 2.21 20.89
N THR A 135 16.24 2.57 21.97
CA THR A 135 15.03 1.89 22.51
C THR A 135 13.78 2.38 21.77
N LYS A 136 13.93 3.30 20.82
CA LYS A 136 12.79 3.88 20.06
C LYS A 136 12.93 3.54 18.58
N THR A 137 14.07 3.85 17.97
CA THR A 137 14.26 3.71 16.51
C THR A 137 15.37 2.74 16.17
N GLY A 138 16.25 2.44 17.13
CA GLY A 138 17.44 1.62 16.88
C GLY A 138 18.53 2.38 16.15
N ASN A 139 18.40 3.70 16.02
CA ASN A 139 19.43 4.58 15.41
C ASN A 139 19.73 4.18 13.96
N ALA A 140 18.72 3.82 13.16
CA ALA A 140 18.98 3.33 11.80
C ALA A 140 18.94 4.49 10.79
N GLY A 141 18.74 5.69 11.24
CA GLY A 141 18.96 6.86 10.39
C GLY A 141 17.88 6.99 9.32
N SER A 142 18.22 7.66 8.23
CA SER A 142 17.16 8.15 7.33
C SER A 142 16.50 6.97 6.59
N ARG A 143 15.39 7.28 5.93
CA ARG A 143 14.55 6.32 5.20
C ARG A 143 14.93 6.34 3.75
N LEU A 144 15.55 5.28 3.27
CA LEU A 144 16.13 5.32 1.91
C LEU A 144 15.07 4.95 0.87
N ALA A 145 14.20 4.00 1.18
CA ALA A 145 13.15 3.58 0.25
C ALA A 145 12.02 2.95 1.08
N CYS A 146 10.82 3.02 0.56
CA CYS A 146 9.65 2.49 1.25
C CYS A 146 8.54 2.17 0.26
N GLY A 147 7.56 1.47 0.76
CA GLY A 147 6.35 1.21 0.00
C GLY A 147 5.21 0.79 0.89
N VAL A 148 3.98 0.88 0.39
CA VAL A 148 2.82 0.38 1.15
C VAL A 148 2.72 -1.12 0.93
N ILE A 149 2.40 -1.84 1.98
CA ILE A 149 2.24 -3.31 1.97
C ILE A 149 0.85 -3.68 1.47
N GLY A 150 0.78 -4.41 0.36
CA GLY A 150 -0.48 -4.67 -0.34
C GLY A 150 -0.81 -6.14 -0.48
N ILE A 151 -2.09 -6.42 -0.68
CA ILE A 151 -2.62 -7.78 -0.86
C ILE A 151 -2.17 -8.29 -2.23
N ALA A 152 -1.66 -9.51 -2.29
CA ALA A 152 -1.17 -10.10 -3.56
C ALA A 152 -2.06 -11.28 -3.90
N GLN A 153 -1.94 -11.68 -5.16
CA GLN A 153 -2.70 -12.83 -5.70
C GLN A 153 -2.12 -14.10 -5.10
N ALA B 1 -13.17 7.28 14.05
CA ALA B 1 -13.12 7.33 12.57
C ALA B 1 -11.86 6.62 12.07
N THR B 2 -11.94 6.07 10.87
CA THR B 2 -10.80 5.41 10.17
C THR B 2 -10.42 6.34 9.00
N LYS B 3 -9.13 6.53 8.78
CA LYS B 3 -8.61 7.39 7.71
C LYS B 3 -7.62 6.57 6.90
N VAL B 4 -7.75 6.59 5.57
CA VAL B 4 -6.78 5.87 4.68
C VAL B 4 -6.45 6.81 3.54
N VAL B 5 -5.34 6.57 2.87
CA VAL B 5 -4.81 7.50 1.86
C VAL B 5 -4.20 6.69 0.74
N CYS B 6 -4.04 7.30 -0.43
CA CYS B 6 -3.45 6.67 -1.61
C CYS B 6 -2.74 7.76 -2.39
N VAL B 7 -1.51 7.48 -2.77
CA VAL B 7 -0.77 8.37 -3.70
C VAL B 7 -0.83 7.73 -5.08
N LEU B 8 -1.37 8.46 -6.04
CA LEU B 8 -1.45 7.96 -7.45
C LEU B 8 -0.23 8.42 -8.24
N LYS B 9 0.45 7.50 -8.88
CA LYS B 9 1.59 7.76 -9.83
C LYS B 9 1.56 6.74 -10.98
N GLY B 10 2.24 6.98 -12.09
CA GLY B 10 2.31 5.95 -13.14
C GLY B 10 3.48 6.13 -14.11
N ASP B 11 3.29 5.72 -15.36
CA ASP B 11 4.35 5.81 -16.41
C ASP B 11 4.41 7.22 -17.02
N GLY B 12 3.37 8.04 -16.84
CA GLY B 12 3.25 9.39 -17.42
C GLY B 12 3.19 10.44 -16.31
N PRO B 13 2.79 11.69 -16.57
CA PRO B 13 2.79 12.74 -15.53
C PRO B 13 1.48 12.94 -14.76
N VAL B 14 0.75 11.85 -14.59
CA VAL B 14 -0.51 11.89 -13.81
C VAL B 14 -0.14 11.63 -12.34
N GLN B 15 -0.52 12.54 -11.47
CA GLN B 15 -0.22 12.33 -10.03
C GLN B 15 -1.33 12.89 -9.18
N GLY B 16 -1.60 12.19 -8.09
CA GLY B 16 -2.73 12.52 -7.24
C GLY B 16 -2.52 12.05 -5.83
N ILE B 17 -3.34 12.59 -4.97
CA ILE B 17 -3.44 12.26 -3.53
C ILE B 17 -4.92 12.10 -3.26
N ILE B 18 -5.33 10.91 -2.77
CA ILE B 18 -6.76 10.64 -2.50
C ILE B 18 -6.90 10.21 -1.07
N ASN B 19 -7.79 10.86 -0.35
CA ASN B 19 -8.03 10.58 1.07
C ASN B 19 -9.36 9.83 1.19
N PHE B 20 -9.49 8.91 2.12
CA PHE B 20 -10.74 8.20 2.43
C PHE B 20 -10.99 8.32 3.92
N GLU B 21 -12.22 8.66 4.33
CA GLU B 21 -12.55 8.74 5.76
C GLU B 21 -13.88 8.06 6.03
N GLN B 22 -13.95 7.30 7.11
CA GLN B 22 -15.17 6.55 7.48
C GLN B 22 -15.39 6.76 9.00
N LYS B 23 -16.47 7.44 9.35
CA LYS B 23 -16.80 7.81 10.76
C LYS B 23 -17.14 6.57 11.58
N GLU B 24 -17.93 5.65 11.05
CA GLU B 24 -18.35 4.42 11.77
C GLU B 24 -18.19 3.23 10.84
N SER B 25 -18.00 2.05 11.41
CA SER B 25 -17.88 0.76 10.68
C SER B 25 -19.03 0.63 9.66
N ASN B 26 -20.23 1.05 10.02
CA ASN B 26 -21.41 0.78 9.16
C ASN B 26 -21.69 1.99 8.28
N GLY B 27 -20.74 2.91 8.11
CA GLY B 27 -21.09 4.22 7.57
C GLY B 27 -20.57 4.38 6.15
N PRO B 28 -21.01 5.46 5.47
CA PRO B 28 -20.39 5.87 4.22
C PRO B 28 -18.92 6.24 4.36
N VAL B 29 -18.21 6.10 3.24
CA VAL B 29 -16.81 6.56 3.12
C VAL B 29 -16.81 7.85 2.30
N LYS B 30 -16.26 8.90 2.86
CA LYS B 30 -16.00 10.14 2.11
C LYS B 30 -14.63 10.02 1.43
N VAL B 31 -14.55 10.36 0.16
CA VAL B 31 -13.35 10.26 -0.71
C VAL B 31 -13.06 11.66 -1.24
N TRP B 32 -11.89 12.20 -1.00
CA TRP B 32 -11.57 13.57 -1.48
C TRP B 32 -10.10 13.64 -1.83
N GLY B 33 -9.80 14.53 -2.75
CA GLY B 33 -8.42 14.88 -3.04
C GLY B 33 -8.30 15.52 -4.40
N SER B 34 -7.15 15.36 -5.02
CA SER B 34 -6.82 16.08 -6.27
C SER B 34 -5.98 15.17 -7.15
N ILE B 35 -6.25 15.18 -8.44
CA ILE B 35 -5.36 14.54 -9.43
C ILE B 35 -5.02 15.56 -10.50
N LYS B 36 -3.77 15.61 -10.89
CA LYS B 36 -3.36 16.55 -11.97
C LYS B 36 -2.74 15.75 -13.12
N GLY B 37 -2.61 16.41 -14.28
CA GLY B 37 -1.97 15.82 -15.45
C GLY B 37 -2.95 15.03 -16.29
N LEU B 38 -4.26 15.21 -16.13
CA LEU B 38 -5.27 14.44 -16.91
C LEU B 38 -5.72 15.27 -18.12
N THR B 39 -6.24 14.61 -19.14
CA THR B 39 -7.00 15.23 -20.25
C THR B 39 -8.38 15.65 -19.73
N GLU B 40 -8.86 16.80 -20.15
CA GLU B 40 -10.19 17.32 -19.76
C GLU B 40 -11.24 16.25 -20.01
N GLY B 41 -12.12 16.00 -19.03
CA GLY B 41 -13.29 15.13 -19.22
C GLY B 41 -13.37 14.08 -18.13
N LEU B 42 -13.88 12.92 -18.47
CA LEU B 42 -14.16 11.86 -17.47
C LEU B 42 -13.08 10.78 -17.54
N HIS B 43 -12.61 10.35 -16.37
CA HIS B 43 -11.59 9.27 -16.23
C HIS B 43 -12.13 8.23 -15.27
N GLY B 44 -12.14 6.99 -15.69
CA GLY B 44 -12.64 5.94 -14.80
C GLY B 44 -11.77 5.78 -13.56
N PHE B 45 -12.41 5.46 -12.46
CA PHE B 45 -11.83 5.57 -11.10
C PHE B 45 -12.27 4.34 -10.34
N HIS B 46 -11.32 3.44 -10.09
CA HIS B 46 -11.66 2.10 -9.56
C HIS B 46 -10.70 1.66 -8.47
N VAL B 47 -11.22 0.86 -7.56
CA VAL B 47 -10.36 0.05 -6.66
C VAL B 47 -10.18 -1.29 -7.36
N HIS B 48 -8.95 -1.66 -7.63
CA HIS B 48 -8.59 -2.98 -8.21
C HIS B 48 -8.21 -3.95 -7.10
N GLU B 49 -8.26 -5.22 -7.40
CA GLU B 49 -8.21 -6.29 -6.40
C GLU B 49 -6.88 -6.34 -5.63
N PHE B 50 -5.75 -6.26 -6.28
CA PHE B 50 -4.46 -6.52 -5.60
C PHE B 50 -3.74 -5.21 -5.33
N GLY B 51 -3.11 -5.09 -4.15
CA GLY B 51 -2.17 -4.00 -3.82
C GLY B 51 -0.77 -4.32 -4.31
N ASP B 52 -0.68 -4.83 -5.53
CA ASP B 52 0.57 -5.34 -6.12
C ASP B 52 0.97 -4.39 -7.25
N ASN B 53 1.99 -3.57 -7.06
N ASN B 53 2.08 -3.70 -7.06
CA ASN B 53 2.41 -2.63 -8.13
CA ASN B 53 2.68 -2.78 -8.07
C ASN B 53 3.81 -3.00 -8.61
C ASN B 53 3.97 -3.40 -8.64
N THR B 54 4.17 -4.28 -8.49
N THR B 54 4.15 -4.71 -8.52
CA THR B 54 5.53 -4.76 -8.84
CA THR B 54 5.44 -5.35 -8.92
C THR B 54 5.81 -4.48 -10.32
C THR B 54 5.82 -4.85 -10.32
N ALA B 55 4.84 -4.66 -11.20
CA ALA B 55 5.11 -4.32 -12.62
C ALA B 55 4.27 -3.12 -13.03
N GLY B 56 4.10 -2.19 -12.11
CA GLY B 56 3.26 -1.03 -12.37
C GLY B 56 1.81 -1.37 -12.18
N CYS B 57 0.93 -0.59 -12.75
CA CYS B 57 -0.51 -0.68 -12.48
C CYS B 57 -1.13 -1.97 -13.00
N THR B 58 -0.54 -2.66 -13.97
N THR B 58 -0.50 -2.60 -13.98
CA THR B 58 -1.17 -3.89 -14.49
CA THR B 58 -0.97 -3.86 -14.57
C THR B 58 -1.19 -4.99 -13.43
C THR B 58 -1.07 -4.92 -13.47
N SER B 59 -0.23 -5.06 -12.49
N SER B 59 -0.15 -4.90 -12.48
CA SER B 59 -0.22 -6.16 -11.51
CA SER B 59 -0.09 -5.99 -11.49
C SER B 59 -1.35 -5.99 -10.49
C SER B 59 -1.32 -5.97 -10.55
N ALA B 60 -2.10 -4.89 -10.53
CA ALA B 60 -3.25 -4.72 -9.62
C ALA B 60 -4.42 -5.61 -9.99
N GLY B 61 -4.44 -6.25 -11.17
CA GLY B 61 -5.53 -7.16 -11.49
C GLY B 61 -6.84 -6.43 -11.80
N PRO B 62 -7.93 -7.21 -11.76
CA PRO B 62 -9.24 -6.73 -12.14
C PRO B 62 -9.86 -5.83 -11.10
N HIS B 63 -11.06 -5.32 -11.35
CA HIS B 63 -11.77 -4.51 -10.36
C HIS B 63 -11.99 -5.35 -9.11
N PHE B 64 -11.92 -4.73 -7.93
CA PHE B 64 -12.20 -5.45 -6.68
C PHE B 64 -13.68 -5.82 -6.65
N ASN B 65 -13.94 -7.12 -6.58
CA ASN B 65 -15.27 -7.69 -6.87
C ASN B 65 -15.47 -8.87 -5.93
N PRO B 66 -15.49 -8.61 -4.62
CA PRO B 66 -15.61 -9.71 -3.66
C PRO B 66 -16.96 -10.44 -3.78
N LEU B 67 -17.97 -9.79 -4.31
CA LEU B 67 -19.37 -10.37 -4.35
C LEU B 67 -19.67 -10.96 -5.72
N SER B 68 -18.69 -11.07 -6.63
CA SER B 68 -18.90 -11.72 -7.94
C SER B 68 -20.08 -11.10 -8.66
N ARG B 69 -20.14 -9.79 -8.79
CA ARG B 69 -21.20 -9.10 -9.55
C ARG B 69 -20.60 -8.57 -10.85
N LYS B 70 -21.46 -8.05 -11.71
CA LYS B 70 -21.04 -7.36 -12.96
C LYS B 70 -20.65 -5.91 -12.67
N HIS B 71 -19.95 -5.30 -13.62
CA HIS B 71 -19.50 -3.88 -13.57
C HIS B 71 -20.71 -2.93 -13.65
N GLY B 72 -20.70 -1.87 -12.86
CA GLY B 72 -21.66 -0.79 -13.00
C GLY B 72 -21.14 0.52 -12.48
N GLY B 73 -22.03 1.48 -12.33
CA GLY B 73 -21.70 2.77 -11.70
C GLY B 73 -21.94 2.67 -10.20
N PRO B 74 -21.38 3.62 -9.46
CA PRO B 74 -21.44 3.58 -8.01
C PRO B 74 -22.86 3.66 -7.48
N LYS B 75 -23.79 4.22 -8.27
CA LYS B 75 -25.19 4.37 -7.80
C LYS B 75 -25.99 3.10 -8.12
N ASP B 76 -25.43 2.17 -8.88
CA ASP B 76 -26.11 0.90 -9.23
C ASP B 76 -26.04 -0.15 -8.13
N GLU B 77 -27.09 -0.95 -7.96
CA GLU B 77 -27.03 -2.11 -7.06
C GLU B 77 -26.13 -3.17 -7.69
N GLU B 78 -26.21 -3.34 -9.02
CA GLU B 78 -25.32 -4.27 -9.77
C GLU B 78 -24.01 -3.52 -10.07
N ARG B 79 -23.02 -3.73 -9.20
CA ARG B 79 -21.68 -3.08 -9.38
C ARG B 79 -20.64 -3.95 -8.71
N HIS B 80 -19.38 -3.79 -9.10
CA HIS B 80 -18.25 -4.24 -8.28
C HIS B 80 -18.15 -3.37 -7.03
N VAL B 81 -17.60 -3.92 -5.94
CA VAL B 81 -17.29 -3.05 -4.76
C VAL B 81 -16.35 -1.93 -5.21
N GLY B 82 -15.38 -2.21 -6.07
CA GLY B 82 -14.39 -1.21 -6.52
C GLY B 82 -14.89 -0.15 -7.50
N ASP B 83 -16.16 -0.19 -7.90
CA ASP B 83 -16.65 0.72 -8.97
C ASP B 83 -16.97 2.12 -8.44
N LEU B 84 -16.07 3.08 -8.57
CA LEU B 84 -16.30 4.44 -8.02
C LEU B 84 -16.66 5.40 -9.16
N GLY B 85 -16.91 4.91 -10.36
CA GLY B 85 -17.41 5.77 -11.46
C GLY B 85 -16.30 6.50 -12.16
N ASN B 86 -16.45 7.81 -12.35
CA ASN B 86 -15.47 8.69 -13.03
C ASN B 86 -15.08 9.87 -12.15
N VAL B 87 -13.87 10.35 -12.32
CA VAL B 87 -13.52 11.72 -11.85
C VAL B 87 -13.51 12.59 -13.09
N THR B 88 -13.66 13.90 -12.90
CA THR B 88 -13.70 14.88 -14.02
C THR B 88 -12.54 15.83 -13.90
N ALA B 89 -11.69 15.86 -14.92
CA ALA B 89 -10.61 16.83 -15.08
C ALA B 89 -11.13 18.06 -15.84
N ASP B 90 -10.72 19.22 -15.37
CA ASP B 90 -11.03 20.53 -15.99
C ASP B 90 -10.06 20.78 -17.15
N LYS B 91 -10.21 21.93 -17.79
CA LYS B 91 -9.31 22.42 -18.88
C LYS B 91 -7.85 22.39 -18.42
N ASP B 92 -7.59 22.56 -17.12
CA ASP B 92 -6.22 22.66 -16.59
C ASP B 92 -5.67 21.27 -16.29
N GLY B 93 -6.47 20.23 -16.54
CA GLY B 93 -6.08 18.83 -16.30
C GLY B 93 -6.16 18.45 -14.83
N VAL B 94 -6.95 19.17 -14.06
CA VAL B 94 -7.11 18.91 -12.61
C VAL B 94 -8.50 18.35 -12.33
N ALA B 95 -8.53 17.20 -11.63
CA ALA B 95 -9.75 16.62 -11.05
C ALA B 95 -9.73 16.90 -9.56
N ASP B 96 -10.73 17.63 -9.08
CA ASP B 96 -10.97 17.81 -7.64
C ASP B 96 -11.95 16.69 -7.30
N VAL B 97 -11.50 15.69 -6.56
CA VAL B 97 -12.30 14.49 -6.26
C VAL B 97 -13.14 14.77 -5.02
N SER B 98 -14.42 14.49 -5.14
CA SER B 98 -15.36 14.58 -4.02
C SER B 98 -16.45 13.53 -4.21
N ILE B 99 -16.32 12.41 -3.50
CA ILE B 99 -17.19 11.23 -3.63
C ILE B 99 -17.64 10.81 -2.21
N GLU B 100 -18.88 10.37 -2.07
CA GLU B 100 -19.35 9.64 -0.87
C GLU B 100 -19.88 8.30 -1.36
N ASP B 101 -19.43 7.20 -0.76
CA ASP B 101 -19.81 5.86 -1.24
C ASP B 101 -20.16 4.99 -0.06
N SER B 102 -21.21 4.17 -0.17
N SER B 102 -21.19 4.17 -0.22
CA SER B 102 -21.66 3.31 0.95
CA SER B 102 -21.77 3.33 0.84
C SER B 102 -21.37 1.84 0.67
C SER B 102 -21.30 1.88 0.71
N VAL B 103 -20.65 1.52 -0.40
CA VAL B 103 -20.33 0.11 -0.71
C VAL B 103 -18.88 -0.20 -0.32
N ILE B 104 -17.93 0.62 -0.74
CA ILE B 104 -16.53 0.46 -0.22
C ILE B 104 -16.60 0.60 1.29
N SER B 105 -15.60 0.08 1.98
CA SER B 105 -15.47 0.25 3.44
C SER B 105 -13.99 0.31 3.82
N LEU B 106 -13.72 0.83 5.01
CA LEU B 106 -12.38 0.79 5.60
C LEU B 106 -12.33 -0.26 6.73
N SER B 107 -13.33 -1.14 6.83
CA SER B 107 -13.31 -2.40 7.63
C SER B 107 -14.24 -3.47 7.03
N GLY B 108 -14.12 -4.75 7.41
CA GLY B 108 -14.99 -5.83 6.93
C GLY B 108 -14.53 -6.42 5.60
N ASP B 109 -15.31 -7.29 4.96
CA ASP B 109 -14.88 -8.00 3.72
C ASP B 109 -14.98 -7.08 2.49
N HIS B 110 -15.53 -5.87 2.63
CA HIS B 110 -15.55 -4.87 1.54
C HIS B 110 -14.43 -3.87 1.80
N CYS B 111 -13.46 -4.25 2.62
CA CYS B 111 -12.38 -3.30 2.99
C CYS B 111 -11.45 -3.09 1.80
N ILE B 112 -11.08 -1.85 1.56
CA ILE B 112 -10.22 -1.51 0.40
C ILE B 112 -8.75 -1.34 0.82
N ILE B 113 -8.45 -1.37 2.13
CA ILE B 113 -7.04 -1.26 2.59
C ILE B 113 -6.20 -2.38 1.94
N GLY B 114 -5.02 -1.98 1.45
CA GLY B 114 -4.04 -2.89 0.84
C GLY B 114 -4.39 -3.25 -0.59
N ARG B 115 -5.45 -2.65 -1.17
CA ARG B 115 -5.81 -2.83 -2.59
C ARG B 115 -5.24 -1.65 -3.39
N THR B 116 -5.49 -1.58 -4.68
CA THR B 116 -4.92 -0.48 -5.51
C THR B 116 -6.04 0.43 -6.05
N LEU B 117 -5.89 1.73 -5.92
CA LEU B 117 -6.76 2.73 -6.61
C LEU B 117 -6.13 3.09 -7.95
N VAL B 118 -6.94 3.11 -9.00
CA VAL B 118 -6.47 3.34 -10.40
C VAL B 118 -7.34 4.42 -11.03
N VAL B 119 -6.70 5.40 -11.64
CA VAL B 119 -7.36 6.37 -12.56
C VAL B 119 -7.00 6.01 -14.01
N HIS B 120 -8.04 5.94 -14.85
CA HIS B 120 -7.96 5.34 -16.20
C HIS B 120 -7.93 6.42 -17.28
N GLU B 121 -7.46 6.00 -18.46
CA GLU B 121 -7.31 6.83 -19.67
C GLU B 121 -8.66 7.43 -20.12
N LYS B 122 -9.69 6.62 -20.13
CA LYS B 122 -10.98 6.92 -20.80
C LYS B 122 -12.08 7.01 -19.75
N ALA B 123 -13.27 7.43 -20.18
CA ALA B 123 -14.48 7.40 -19.34
C ALA B 123 -14.89 5.94 -19.12
N ASP B 124 -15.21 5.66 -17.86
CA ASP B 124 -15.99 4.48 -17.51
C ASP B 124 -17.42 4.69 -18.03
N ASP B 125 -17.91 3.76 -18.84
CA ASP B 125 -19.27 3.86 -19.41
C ASP B 125 -20.31 3.31 -18.41
N LEU B 126 -19.88 2.94 -17.20
CA LEU B 126 -20.74 2.51 -16.06
C LEU B 126 -21.59 1.30 -16.44
N GLY B 127 -21.10 0.48 -17.35
CA GLY B 127 -21.84 -0.73 -17.80
C GLY B 127 -22.92 -0.42 -18.83
N LYS B 128 -22.93 0.78 -19.42
CA LYS B 128 -23.92 1.17 -20.47
C LYS B 128 -23.18 1.53 -21.76
N GLY B 129 -22.30 0.67 -22.22
CA GLY B 129 -21.49 0.95 -23.45
C GLY B 129 -21.97 0.17 -24.66
N GLY B 130 -22.80 -0.84 -24.44
CA GLY B 130 -23.35 -1.70 -25.51
C GLY B 130 -22.38 -2.73 -26.07
N ASN B 131 -21.36 -3.15 -25.33
CA ASN B 131 -20.50 -4.29 -25.74
C ASN B 131 -20.31 -5.16 -24.51
N GLU B 132 -19.69 -6.34 -24.66
CA GLU B 132 -19.50 -7.25 -23.51
C GLU B 132 -18.51 -6.66 -22.49
N GLU B 133 -17.51 -5.92 -22.97
CA GLU B 133 -16.45 -5.35 -22.08
C GLU B 133 -17.08 -4.31 -21.13
N SER B 134 -18.18 -3.69 -21.52
CA SER B 134 -18.89 -2.69 -20.68
C SER B 134 -19.22 -3.26 -19.31
N THR B 135 -19.65 -4.53 -19.24
CA THR B 135 -20.13 -5.23 -18.02
C THR B 135 -18.95 -5.79 -17.22
N LYS B 136 -17.72 -5.59 -17.68
CA LYS B 136 -16.52 -6.13 -17.00
C LYS B 136 -15.64 -4.97 -16.55
N THR B 137 -15.27 -4.08 -17.47
CA THR B 137 -14.27 -3.02 -17.17
C THR B 137 -14.89 -1.63 -17.36
N GLY B 138 -16.02 -1.56 -18.05
CA GLY B 138 -16.61 -0.26 -18.43
C GLY B 138 -15.85 0.44 -19.54
N ASN B 139 -14.92 -0.23 -20.21
CA ASN B 139 -14.21 0.32 -21.40
C ASN B 139 -13.41 1.58 -21.02
N ALA B 140 -12.79 1.62 -19.84
CA ALA B 140 -12.11 2.86 -19.40
C ALA B 140 -10.65 2.86 -19.86
N GLY B 141 -10.22 1.80 -20.52
CA GLY B 141 -8.90 1.81 -21.17
C GLY B 141 -7.79 1.73 -20.16
N SER B 142 -6.62 2.22 -20.55
CA SER B 142 -5.37 1.89 -19.84
C SER B 142 -5.36 2.58 -18.46
N ARG B 143 -4.36 2.21 -17.69
CA ARG B 143 -4.22 2.66 -16.28
C ARG B 143 -3.21 3.79 -16.29
N LEU B 144 -3.65 5.02 -16.02
CA LEU B 144 -2.73 6.18 -16.14
C LEU B 144 -1.89 6.31 -14.87
N ALA B 145 -2.49 6.02 -13.71
CA ALA B 145 -1.79 6.16 -12.43
C ALA B 145 -2.49 5.29 -11.41
N CYS B 146 -1.74 4.87 -10.41
CA CYS B 146 -2.25 4.02 -9.33
C CYS B 146 -1.43 4.18 -8.07
N GLY B 147 -1.97 3.60 -7.00
CA GLY B 147 -1.20 3.47 -5.75
C GLY B 147 -1.89 2.47 -4.83
N VAL B 148 -1.17 2.00 -3.84
CA VAL B 148 -1.70 1.07 -2.82
C VAL B 148 -2.39 1.91 -1.76
N ILE B 149 -3.52 1.44 -1.31
CA ILE B 149 -4.36 2.16 -0.35
C ILE B 149 -3.85 1.83 1.07
N GLY B 150 -3.42 2.82 1.82
CA GLY B 150 -2.78 2.57 3.12
C GLY B 150 -3.43 3.28 4.29
N ILE B 151 -3.14 2.78 5.48
CA ILE B 151 -3.69 3.31 6.76
C ILE B 151 -3.06 4.65 7.04
N ALA B 152 -3.85 5.67 7.34
CA ALA B 152 -3.37 7.01 7.71
C ALA B 152 -3.60 7.25 9.20
N GLN B 153 -2.95 8.27 9.71
CA GLN B 153 -3.13 8.70 11.12
C GLN B 153 -4.52 9.31 11.28
ZN ZN C . 11.07 -0.61 16.48
C1 Q7W D . -6.65 -4.02 6.90
C3 Q7W D . -4.97 -5.48 7.85
C4 Q7W D . -5.60 -6.62 7.36
C5 Q7W D . -6.83 -6.39 6.59
C6 Q7W D . -7.59 -7.57 6.08
C8 Q7W D . -8.55 -9.37 3.48
C9 Q7W D . -9.37 -10.02 2.54
C11 Q7W D . -6.65 -10.44 2.55
C12 Q7W D . -7.45 -11.08 1.58
C13 Q7W D . -8.82 -10.88 1.58
C10 Q7W D . -7.18 -9.59 3.50
CL Q7W D . -4.89 -10.72 2.55
C7 Q7W D . -9.20 -8.45 4.51
N Q7W D . -8.29 -7.43 4.95
O Q7W D . -7.58 -8.57 6.81
C Q7W D . -7.33 -5.10 6.40
SE Q7W D . -5.06 -8.17 7.57
C2 Q7W D . -5.47 -4.21 7.62
ZN ZN E . 12.36 2.82 10.50
CL CL F . 12.72 5.60 12.13
ZN ZN G . -16.06 -2.70 -12.16
C1 Q7W H . -11.03 -7.05 8.99
C3 Q7W H . -11.07 -5.69 6.97
C4 Q7W H . -10.37 -4.68 7.61
C5 Q7W H . -9.97 -4.89 9.04
C6 Q7W H . -9.16 -3.87 9.77
C8 Q7W H . -6.68 -2.52 11.26
C9 Q7W H . -6.29 -2.32 12.58
C11 Q7W H . -6.86 -0.17 10.96
C12 Q7W H . -6.49 0.06 12.28
C13 Q7W H . -6.20 -1.02 13.09
C10 Q7W H . -6.96 -1.45 10.45
CL Q7W H . -7.29 1.10 9.79
C7 Q7W H . -6.78 -3.87 10.64
N Q7W H . -8.09 -4.42 10.43
O Q7W H . -9.43 -2.68 9.56
C Q7W H . -10.31 -6.08 9.66
SE Q7W H . -9.99 -3.38 6.82
C2 Q7W H . -11.40 -6.86 7.66
ZN ZN I . -9.73 0.05 -13.85
CL CL J . -9.43 -2.32 -16.10
#